data_2G5X
#
_entry.id   2G5X
#
_cell.length_a   35.247
_cell.length_b   57.333
_cell.length_c   53.230
_cell.angle_alpha   90.00
_cell.angle_beta   106.25
_cell.angle_gamma   90.00
#
_symmetry.space_group_name_H-M   'P 1 21 1'
#
loop_
_entity.id
_entity.type
_entity.pdbx_description
1 polymer 'Ribosome-inactivating protein'
2 water water
#
_entity_poly.entity_id   1
_entity_poly.type   'polypeptide(L)'
_entity_poly.pdbx_seq_one_letter_code
;RPSWTVDSDSAKYSSFLDSLREEFGRGTPKVCNIPVTKKANNDKFVLVNLVLPFNRNTITLAFRASDAYLVGFQDRDSKT
NKLRANFFSDEYRALSGKYKSIFTDAEVLAPALPCASTYTDLQNKAGVSREKLSLGVSSLQTAFTAVYGKVFTGKNVAKF
ALISIQMVAEAARFKYIEDQVINRGMYSSFEAGARITLLENNWSKISEQYHKSCKLGGGQFTEEEMKLGLLLYN
;
_entity_poly.pdbx_strand_id   A
#
# COMPACT_ATOMS: atom_id res chain seq x y z
N ARG A 1 3.72 0.95 15.18
CA ARG A 1 3.09 1.13 13.84
C ARG A 1 4.17 1.15 12.77
N PRO A 2 3.98 0.38 11.69
CA PRO A 2 4.98 0.37 10.61
C PRO A 2 5.17 1.79 10.10
N SER A 3 6.41 2.22 9.96
CA SER A 3 6.69 3.57 9.49
C SER A 3 7.90 3.58 8.56
N TRP A 4 7.83 4.42 7.53
CA TRP A 4 8.93 4.55 6.59
C TRP A 4 9.16 5.99 6.21
N THR A 5 10.38 6.47 6.45
CA THR A 5 10.73 7.82 6.06
C THR A 5 11.13 7.62 4.60
N VAL A 6 10.31 8.15 3.70
CA VAL A 6 10.55 7.99 2.27
C VAL A 6 11.90 8.57 1.87
N ASP A 7 12.89 7.68 1.80
CA ASP A 7 14.26 8.07 1.48
C ASP A 7 14.97 6.91 0.75
N SER A 8 16.19 7.16 0.28
CA SER A 8 16.95 6.17 -0.47
C SER A 8 17.68 5.07 0.30
N ASP A 9 17.29 4.85 1.55
CA ASP A 9 17.90 3.80 2.37
C ASP A 9 17.11 2.51 2.19
N SER A 10 17.63 1.60 1.37
CA SER A 10 16.93 0.34 1.09
C SER A 10 16.80 -0.58 2.29
N ALA A 11 17.72 -0.48 3.24
CA ALA A 11 17.65 -1.32 4.44
C ALA A 11 16.41 -0.96 5.24
N LYS A 12 16.16 0.34 5.41
CA LYS A 12 15.00 0.81 6.16
C LYS A 12 13.71 0.45 5.42
N TYR A 13 13.76 0.47 4.09
CA TYR A 13 12.60 0.13 3.29
C TYR A 13 12.25 -1.34 3.51
N SER A 14 13.25 -2.21 3.44
CA SER A 14 13.03 -3.65 3.63
C SER A 14 12.55 -3.99 5.03
N SER A 15 13.09 -3.30 6.05
CA SER A 15 12.67 -3.57 7.42
C SER A 15 11.22 -3.13 7.60
N PHE A 16 10.88 -2.01 6.96
CA PHE A 16 9.53 -1.48 7.01
C PHE A 16 8.55 -2.52 6.44
N LEU A 17 8.90 -3.09 5.29
CA LEU A 17 8.04 -4.09 4.67
C LEU A 17 7.86 -5.33 5.55
N ASP A 18 8.93 -5.78 6.20
CA ASP A 18 8.81 -6.95 7.06
C ASP A 18 7.89 -6.62 8.24
N SER A 19 7.98 -5.40 8.76
CA SER A 19 7.12 -4.99 9.87
C SER A 19 5.67 -5.01 9.42
N LEU A 20 5.42 -4.49 8.22
CA LEU A 20 4.07 -4.45 7.67
C LEU A 20 3.53 -5.86 7.44
N ARG A 21 4.35 -6.73 6.85
CA ARG A 21 3.93 -8.11 6.58
C ARG A 21 3.50 -8.81 7.87
N GLU A 22 4.28 -8.64 8.92
CA GLU A 22 3.98 -9.26 10.20
C GLU A 22 2.65 -8.79 10.76
N GLU A 23 2.34 -7.49 10.59
CA GLU A 23 1.08 -6.97 11.10
C GLU A 23 -0.12 -7.61 10.41
N PHE A 24 -0.03 -7.82 9.11
CA PHE A 24 -1.12 -8.46 8.38
C PHE A 24 -1.32 -9.91 8.84
N GLY A 25 -0.24 -10.56 9.23
CA GLY A 25 -0.35 -11.95 9.65
C GLY A 25 -0.37 -12.27 11.14
N ARG A 26 -0.40 -11.26 12.00
CA ARG A 26 -0.41 -11.55 13.43
C ARG A 26 -1.66 -12.30 13.87
N GLY A 27 -1.50 -13.19 14.83
CA GLY A 27 -2.64 -13.95 15.33
C GLY A 27 -2.63 -15.44 15.06
N THR A 28 -2.06 -15.84 13.93
CA THR A 28 -2.00 -17.27 13.60
C THR A 28 -0.66 -17.63 12.96
N PRO A 29 -0.28 -18.92 13.03
CA PRO A 29 0.97 -19.43 12.47
C PRO A 29 1.24 -19.06 11.02
N LYS A 30 2.53 -19.07 10.68
CA LYS A 30 2.95 -18.77 9.32
C LYS A 30 2.96 -20.06 8.50
N VAL A 31 3.03 -19.91 7.19
CA VAL A 31 3.06 -21.05 6.27
C VAL A 31 4.34 -20.91 5.44
N CYS A 32 5.19 -21.93 5.47
CA CYS A 32 6.47 -21.88 4.74
C CYS A 32 7.24 -20.66 5.24
N ASN A 33 7.01 -20.31 6.50
CA ASN A 33 7.64 -19.16 7.15
C ASN A 33 7.26 -17.83 6.50
N ILE A 34 6.01 -17.75 6.05
CA ILE A 34 5.47 -16.54 5.43
C ILE A 34 4.19 -16.18 6.16
N PRO A 35 4.02 -14.90 6.53
CA PRO A 35 2.78 -14.52 7.23
C PRO A 35 1.56 -14.65 6.32
N VAL A 36 0.41 -14.93 6.92
CA VAL A 36 -0.83 -15.12 6.17
C VAL A 36 -1.94 -14.21 6.68
N THR A 37 -2.71 -13.62 5.77
CA THR A 37 -3.80 -12.74 6.19
C THR A 37 -4.96 -13.59 6.72
N LYS A 38 -5.87 -12.94 7.44
CA LYS A 38 -7.03 -13.62 8.01
C LYS A 38 -8.29 -13.14 7.29
N LYS A 39 -9.07 -14.09 6.78
CA LYS A 39 -10.30 -13.76 6.05
C LYS A 39 -11.26 -12.92 6.87
N ALA A 40 -11.34 -13.19 8.17
CA ALA A 40 -12.26 -12.47 9.05
C ALA A 40 -11.77 -11.06 9.44
N ASN A 41 -10.62 -10.65 8.95
CA ASN A 41 -10.11 -9.31 9.27
C ASN A 41 -10.55 -8.26 8.24
N ASN A 42 -11.72 -8.44 7.66
CA ASN A 42 -12.23 -7.49 6.68
C ASN A 42 -12.69 -6.20 7.33
N ASP A 43 -12.84 -6.22 8.65
CA ASP A 43 -13.28 -5.04 9.40
C ASP A 43 -12.17 -4.53 10.32
N LYS A 44 -10.96 -4.99 10.06
CA LYS A 44 -9.77 -4.60 10.82
C LYS A 44 -8.82 -3.93 9.84
N PHE A 45 -7.98 -3.03 10.33
CA PHE A 45 -7.06 -2.32 9.45
C PHE A 45 -5.64 -2.21 10.00
N VAL A 46 -4.68 -2.08 9.08
CA VAL A 46 -3.29 -1.92 9.45
C VAL A 46 -2.89 -0.51 9.01
N LEU A 47 -2.38 0.28 9.96
CA LEU A 47 -1.98 1.64 9.66
C LEU A 47 -0.50 1.69 9.31
N VAL A 48 -0.16 2.56 8.37
CA VAL A 48 1.21 2.74 7.90
C VAL A 48 1.55 4.22 7.82
N ASN A 49 2.67 4.60 8.43
CA ASN A 49 3.09 6.00 8.39
C ASN A 49 4.15 6.23 7.31
N LEU A 50 3.92 7.23 6.47
CA LEU A 50 4.90 7.61 5.44
C LEU A 50 5.34 9.01 5.89
N VAL A 51 6.65 9.20 6.04
CA VAL A 51 7.18 10.49 6.50
C VAL A 51 8.19 11.07 5.52
N LEU A 52 8.10 12.38 5.26
CA LEU A 52 9.05 13.03 4.36
C LEU A 52 10.26 13.46 5.18
N PRO A 53 11.47 13.15 4.69
CA PRO A 53 12.67 13.52 5.43
C PRO A 53 12.92 15.03 5.50
N PHE A 54 12.42 15.77 4.52
CA PHE A 54 12.63 17.23 4.45
C PHE A 54 11.97 18.05 5.55
N ASN A 55 10.67 17.86 5.74
CA ASN A 55 9.91 18.63 6.71
C ASN A 55 9.23 17.79 7.78
N ARG A 56 9.44 16.48 7.72
CA ARG A 56 8.85 15.55 8.68
C ARG A 56 7.33 15.44 8.58
N ASN A 57 6.74 15.99 7.52
CA ASN A 57 5.29 15.88 7.34
C ASN A 57 4.95 14.39 7.28
N THR A 58 3.80 14.02 7.83
CA THR A 58 3.39 12.63 7.88
C THR A 58 1.99 12.35 7.36
N ILE A 59 1.85 11.29 6.56
CA ILE A 59 0.57 10.83 6.05
C ILE A 59 0.43 9.39 6.50
N THR A 60 -0.71 9.05 7.11
CA THR A 60 -0.95 7.70 7.60
C THR A 60 -1.91 6.95 6.68
N LEU A 61 -1.44 5.85 6.10
CA LEU A 61 -2.27 5.03 5.21
C LEU A 61 -3.01 3.96 6.00
N ALA A 62 -4.21 3.61 5.55
CA ALA A 62 -5.01 2.58 6.21
C ALA A 62 -5.32 1.45 5.24
N PHE A 63 -4.88 0.24 5.57
CA PHE A 63 -5.12 -0.93 4.73
C PHE A 63 -6.03 -1.95 5.40
N ARG A 64 -7.01 -2.47 4.65
CA ARG A 64 -7.92 -3.50 5.17
C ARG A 64 -7.00 -4.69 5.42
N ALA A 65 -7.04 -5.24 6.63
CA ALA A 65 -6.18 -6.35 7.03
C ALA A 65 -6.36 -7.70 6.36
N SER A 66 -7.56 -7.99 5.87
CA SER A 66 -7.82 -9.27 5.24
C SER A 66 -7.21 -9.43 3.86
N ASP A 67 -7.02 -8.33 3.15
CA ASP A 67 -6.49 -8.37 1.80
C ASP A 67 -5.47 -7.29 1.44
N ALA A 68 -5.03 -6.52 2.42
CA ALA A 68 -4.04 -5.45 2.22
C ALA A 68 -4.51 -4.42 1.18
N TYR A 69 -5.80 -4.08 1.26
CA TYR A 69 -6.41 -3.12 0.34
C TYR A 69 -6.46 -1.71 0.96
N LEU A 70 -5.96 -0.71 0.22
CA LEU A 70 -5.95 0.68 0.71
C LEU A 70 -7.33 1.33 0.70
N VAL A 71 -7.79 1.80 1.86
CA VAL A 71 -9.11 2.42 1.96
C VAL A 71 -9.11 3.93 2.17
N GLY A 72 -7.95 4.51 2.45
CA GLY A 72 -7.87 5.95 2.68
C GLY A 72 -6.61 6.36 3.40
N PHE A 73 -6.54 7.63 3.82
CA PHE A 73 -5.37 8.13 4.53
C PHE A 73 -5.69 9.33 5.43
N GLN A 74 -4.78 9.63 6.35
CA GLN A 74 -4.93 10.74 7.28
C GLN A 74 -3.79 11.76 7.16
N ASP A 75 -4.14 13.05 7.08
CA ASP A 75 -3.14 14.11 7.01
C ASP A 75 -3.61 15.25 7.93
N ARG A 76 -3.14 16.47 7.72
CA ARG A 76 -3.56 17.58 8.58
C ARG A 76 -4.29 18.70 7.83
N ASP A 77 -5.38 19.19 8.43
CA ASP A 77 -6.19 20.28 7.87
C ASP A 77 -5.40 21.59 8.01
N SER A 78 -5.29 22.34 6.93
CA SER A 78 -4.53 23.60 6.95
C SER A 78 -5.15 24.74 7.77
N LYS A 79 -6.47 24.75 7.88
CA LYS A 79 -7.14 25.82 8.61
C LYS A 79 -7.15 25.64 10.13
N THR A 80 -7.28 24.39 10.58
CA THR A 80 -7.32 24.10 12.01
C THR A 80 -6.10 23.35 12.52
N ASN A 81 -5.32 22.82 11.59
CA ASN A 81 -4.12 22.05 11.91
C ASN A 81 -4.44 20.74 12.64
N LYS A 82 -5.67 20.26 12.46
CA LYS A 82 -6.10 19.01 13.09
C LYS A 82 -5.90 17.81 12.17
N LEU A 83 -5.68 16.64 12.76
CA LEU A 83 -5.52 15.42 11.97
C LEU A 83 -6.88 15.05 11.40
N ARG A 84 -6.97 14.89 10.08
CA ARG A 84 -8.24 14.57 9.43
C ARG A 84 -8.22 13.22 8.70
N ALA A 85 -9.30 12.46 8.85
CA ALA A 85 -9.43 11.14 8.21
C ALA A 85 -10.11 11.26 6.86
N ASN A 86 -9.44 10.78 5.81
CA ASN A 86 -9.96 10.85 4.44
C ASN A 86 -10.19 9.45 3.86
N PHE A 87 -11.43 9.13 3.51
CA PHE A 87 -11.74 7.82 2.93
C PHE A 87 -12.08 7.91 1.44
N PHE A 88 -11.72 6.89 0.68
CA PHE A 88 -12.05 6.86 -0.75
C PHE A 88 -13.57 6.91 -0.85
N SER A 89 -14.06 7.45 -1.96
CA SER A 89 -15.51 7.59 -2.15
C SER A 89 -16.32 6.32 -2.02
N ASP A 90 -15.73 5.18 -2.36
CA ASP A 90 -16.44 3.90 -2.30
C ASP A 90 -16.28 3.18 -0.97
N GLU A 91 -15.52 3.77 -0.05
CA GLU A 91 -15.31 3.19 1.27
C GLU A 91 -15.88 4.12 2.35
N TYR A 92 -16.19 5.36 1.96
CA TYR A 92 -16.71 6.36 2.90
C TYR A 92 -17.99 5.98 3.64
N ARG A 93 -19.01 5.51 2.93
CA ARG A 93 -20.25 5.15 3.60
C ARG A 93 -20.08 4.06 4.65
N ALA A 94 -19.23 3.08 4.37
CA ALA A 94 -19.02 1.97 5.31
C ALA A 94 -18.08 2.28 6.47
N LEU A 95 -17.10 3.15 6.26
CA LEU A 95 -16.11 3.44 7.29
C LEU A 95 -16.15 4.80 7.99
N SER A 96 -16.80 5.80 7.37
CA SER A 96 -16.83 7.14 7.96
C SER A 96 -17.30 7.17 9.41
N GLY A 97 -18.34 6.40 9.72
CA GLY A 97 -18.86 6.37 11.07
C GLY A 97 -17.87 5.86 12.12
N LYS A 98 -16.97 4.97 11.69
CA LYS A 98 -15.98 4.41 12.60
C LYS A 98 -14.57 4.93 12.31
N TYR A 99 -14.48 6.16 11.81
CA TYR A 99 -13.20 6.76 11.47
C TYR A 99 -12.20 6.76 12.63
N LYS A 100 -12.71 6.94 13.84
CA LYS A 100 -11.87 6.96 15.03
C LYS A 100 -11.35 5.58 15.43
N SER A 101 -12.07 4.54 15.03
CA SER A 101 -11.68 3.17 15.33
C SER A 101 -10.61 2.69 14.34
N ILE A 102 -10.56 3.37 13.19
CA ILE A 102 -9.61 3.02 12.15
C ILE A 102 -8.37 3.92 12.29
N PHE A 103 -8.58 5.23 12.26
CA PHE A 103 -7.50 6.19 12.43
C PHE A 103 -7.50 6.62 13.89
N THR A 104 -6.77 5.84 14.69
CA THR A 104 -6.65 6.06 16.13
C THR A 104 -6.47 7.50 16.59
N ASP A 105 -5.67 8.27 15.87
CA ASP A 105 -5.38 9.65 16.27
C ASP A 105 -6.18 10.75 15.58
N ALA A 106 -7.08 10.38 14.68
CA ALA A 106 -7.89 11.36 13.94
C ALA A 106 -8.68 12.30 14.86
N GLU A 107 -8.66 13.58 14.53
CA GLU A 107 -9.38 14.60 15.29
C GLU A 107 -10.67 15.02 14.60
N VAL A 108 -10.73 14.83 13.28
CA VAL A 108 -11.92 15.18 12.51
C VAL A 108 -12.09 14.28 11.29
N LEU A 109 -13.33 14.09 10.88
CA LEU A 109 -13.65 13.30 9.69
C LEU A 109 -13.78 14.31 8.56
N ALA A 110 -12.97 14.16 7.52
CA ALA A 110 -13.03 15.09 6.39
C ALA A 110 -14.02 14.54 5.37
N PRO A 111 -14.38 15.36 4.36
CA PRO A 111 -15.33 14.90 3.34
C PRO A 111 -14.71 13.74 2.57
N ALA A 112 -15.54 12.99 1.85
CA ALA A 112 -15.04 11.86 1.07
C ALA A 112 -14.03 12.36 0.03
N LEU A 113 -13.04 11.52 -0.27
CA LEU A 113 -12.01 11.87 -1.26
C LEU A 113 -12.62 11.92 -2.65
N PRO A 114 -12.01 12.71 -3.56
CA PRO A 114 -12.48 12.87 -4.93
C PRO A 114 -12.23 11.69 -5.87
N CYS A 115 -12.08 10.49 -5.32
CA CYS A 115 -11.88 9.30 -6.14
C CYS A 115 -12.15 8.02 -5.36
N ALA A 116 -12.28 6.90 -6.08
CA ALA A 116 -12.54 5.60 -5.46
C ALA A 116 -11.25 4.81 -5.23
N SER A 117 -11.38 3.70 -4.49
CA SER A 117 -10.24 2.84 -4.15
C SER A 117 -9.81 1.80 -5.18
N THR A 118 -10.64 1.56 -6.19
CA THR A 118 -10.35 0.56 -7.20
C THR A 118 -9.21 0.93 -8.15
N TYR A 119 -8.55 -0.09 -8.69
CA TYR A 119 -7.47 0.15 -9.64
C TYR A 119 -8.04 0.87 -10.85
N THR A 120 -9.25 0.47 -11.26
CA THR A 120 -9.88 1.10 -12.41
C THR A 120 -10.09 2.60 -12.24
N ASP A 121 -10.70 3.02 -11.14
CA ASP A 121 -10.95 4.44 -10.94
C ASP A 121 -9.67 5.22 -10.64
N LEU A 122 -8.75 4.60 -9.90
CA LEU A 122 -7.49 5.27 -9.58
C LEU A 122 -6.73 5.64 -10.84
N GLN A 123 -6.68 4.72 -11.80
CA GLN A 123 -5.98 4.98 -13.06
C GLN A 123 -6.74 6.02 -13.89
N ASN A 124 -8.08 5.99 -13.84
CA ASN A 124 -8.87 6.96 -14.59
C ASN A 124 -8.65 8.38 -14.06
N LYS A 125 -8.60 8.52 -12.73
CA LYS A 125 -8.38 9.84 -12.12
C LYS A 125 -6.95 10.33 -12.30
N ALA A 126 -5.98 9.43 -12.16
CA ALA A 126 -4.58 9.79 -12.29
C ALA A 126 -4.20 10.07 -13.74
N GLY A 127 -4.92 9.45 -14.67
CA GLY A 127 -4.63 9.64 -16.08
C GLY A 127 -3.42 8.86 -16.54
N VAL A 128 -3.07 7.81 -15.79
CA VAL A 128 -1.92 6.97 -16.13
C VAL A 128 -2.15 5.54 -15.64
N SER A 129 -1.61 4.56 -16.38
CA SER A 129 -1.77 3.15 -16.04
C SER A 129 -0.80 2.63 -14.99
N ARG A 130 -1.15 1.50 -14.39
CA ARG A 130 -0.30 0.85 -13.39
C ARG A 130 1.03 0.52 -14.04
N GLU A 131 0.97 0.11 -15.30
CA GLU A 131 2.15 -0.27 -16.05
C GLU A 131 3.19 0.83 -16.28
N LYS A 132 2.74 2.05 -16.57
CA LYS A 132 3.71 3.11 -16.82
C LYS A 132 3.84 4.21 -15.78
N LEU A 133 3.15 4.06 -14.66
CA LEU A 133 3.24 5.06 -13.58
C LEU A 133 4.67 5.08 -13.06
N SER A 134 5.26 6.26 -12.96
CA SER A 134 6.63 6.40 -12.46
C SER A 134 6.68 6.08 -10.96
N LEU A 135 7.48 5.08 -10.60
CA LEU A 135 7.63 4.65 -9.21
C LEU A 135 9.02 4.96 -8.66
N GLY A 136 9.13 5.08 -7.34
CA GLY A 136 10.41 5.35 -6.72
C GLY A 136 10.33 6.39 -5.61
N VAL A 137 11.40 6.53 -4.85
CA VAL A 137 11.45 7.49 -3.76
C VAL A 137 11.10 8.93 -4.15
N SER A 138 11.76 9.46 -5.19
CA SER A 138 11.49 10.83 -5.62
C SER A 138 10.05 10.99 -6.09
N SER A 139 9.56 10.00 -6.83
CA SER A 139 8.20 10.03 -7.35
C SER A 139 7.20 10.10 -6.20
N LEU A 140 7.41 9.28 -5.17
CA LEU A 140 6.51 9.27 -4.02
C LEU A 140 6.59 10.58 -3.23
N GLN A 141 7.79 11.14 -3.09
CA GLN A 141 7.94 12.39 -2.36
C GLN A 141 7.17 13.51 -3.06
N THR A 142 7.24 13.55 -4.38
CA THR A 142 6.55 14.57 -5.16
C THR A 142 5.04 14.42 -5.03
N ALA A 143 4.55 13.19 -5.14
CA ALA A 143 3.11 12.94 -5.03
C ALA A 143 2.60 13.30 -3.64
N PHE A 144 3.41 12.99 -2.63
CA PHE A 144 3.09 13.28 -1.24
C PHE A 144 2.89 14.80 -1.05
N THR A 145 3.84 15.57 -1.57
CA THR A 145 3.81 17.03 -1.46
C THR A 145 2.57 17.67 -2.10
N ALA A 146 2.07 17.06 -3.18
CA ALA A 146 0.89 17.60 -3.86
C ALA A 146 -0.40 17.28 -3.12
N VAL A 147 -0.31 16.45 -2.08
CA VAL A 147 -1.48 16.05 -1.30
C VAL A 147 -1.53 16.59 0.13
N TYR A 148 -0.49 16.33 0.91
CA TYR A 148 -0.47 16.75 2.30
C TYR A 148 -0.90 18.20 2.60
N GLY A 149 -1.94 18.32 3.42
CA GLY A 149 -2.45 19.61 3.84
C GLY A 149 -3.02 20.55 2.79
N LYS A 150 -3.32 20.04 1.60
CA LYS A 150 -3.85 20.90 0.55
C LYS A 150 -5.27 20.54 0.12
N VAL A 151 -5.75 21.26 -0.89
CA VAL A 151 -7.08 21.00 -1.44
C VAL A 151 -6.85 19.76 -2.31
N PHE A 152 -7.72 18.76 -2.14
CA PHE A 152 -7.60 17.51 -2.88
C PHE A 152 -8.24 17.53 -4.27
N THR A 153 -7.52 17.01 -5.25
CA THR A 153 -8.04 16.91 -6.60
C THR A 153 -7.99 15.42 -6.92
N GLY A 154 -8.87 14.95 -7.80
CA GLY A 154 -8.88 13.54 -8.15
C GLY A 154 -7.53 13.05 -8.62
N LYS A 155 -6.87 13.82 -9.47
CA LYS A 155 -5.57 13.44 -10.00
C LYS A 155 -4.47 13.31 -8.95
N ASN A 156 -4.29 14.34 -8.13
CA ASN A 156 -3.25 14.29 -7.11
C ASN A 156 -3.44 13.14 -6.13
N VAL A 157 -4.67 12.96 -5.64
CA VAL A 157 -4.94 11.88 -4.71
C VAL A 157 -4.72 10.51 -5.35
N ALA A 158 -5.24 10.34 -6.57
CA ALA A 158 -5.12 9.07 -7.27
C ALA A 158 -3.66 8.67 -7.55
N LYS A 159 -2.85 9.64 -7.94
CA LYS A 159 -1.45 9.36 -8.24
C LYS A 159 -0.70 8.95 -6.98
N PHE A 160 -0.93 9.69 -5.89
CA PHE A 160 -0.30 9.39 -4.61
C PHE A 160 -0.69 7.99 -4.15
N ALA A 161 -1.96 7.65 -4.30
CA ALA A 161 -2.46 6.33 -3.90
C ALA A 161 -1.85 5.19 -4.71
N LEU A 162 -1.79 5.34 -6.02
CA LEU A 162 -1.24 4.31 -6.89
C LEU A 162 0.24 4.04 -6.61
N ILE A 163 1.02 5.10 -6.40
CA ILE A 163 2.44 4.93 -6.11
C ILE A 163 2.60 4.22 -4.78
N SER A 164 1.78 4.61 -3.80
CA SER A 164 1.83 4.00 -2.47
C SER A 164 1.44 2.52 -2.53
N ILE A 165 0.42 2.19 -3.32
CA ILE A 165 -0.01 0.81 -3.45
C ILE A 165 1.11 -0.07 -4.01
N GLN A 166 1.77 0.42 -5.05
CA GLN A 166 2.86 -0.32 -5.67
C GLN A 166 4.05 -0.53 -4.73
N MET A 167 4.52 0.56 -4.14
CA MET A 167 5.68 0.53 -3.26
C MET A 167 5.47 -0.04 -1.86
N VAL A 168 4.23 -0.04 -1.39
CA VAL A 168 3.95 -0.56 -0.05
C VAL A 168 3.20 -1.89 -0.07
N ALA A 169 2.00 -1.92 -0.64
CA ALA A 169 1.19 -3.14 -0.67
C ALA A 169 1.71 -4.25 -1.60
N GLU A 170 1.94 -3.93 -2.87
CA GLU A 170 2.41 -4.95 -3.80
C GLU A 170 3.80 -5.46 -3.42
N ALA A 171 4.65 -4.55 -2.95
CA ALA A 171 6.00 -4.93 -2.54
C ALA A 171 5.93 -5.84 -1.30
N ALA A 172 4.96 -5.59 -0.44
CA ALA A 172 4.79 -6.42 0.75
C ALA A 172 4.39 -7.84 0.34
N ARG A 173 3.49 -7.93 -0.64
CA ARG A 173 3.01 -9.21 -1.14
C ARG A 173 4.07 -10.02 -1.89
N PHE A 174 4.82 -9.36 -2.76
CA PHE A 174 5.83 -10.00 -3.59
C PHE A 174 7.29 -9.62 -3.33
N LYS A 175 8.09 -10.59 -2.88
CA LYS A 175 9.51 -10.35 -2.64
C LYS A 175 10.18 -9.87 -3.93
N TYR A 176 9.72 -10.39 -5.06
CA TYR A 176 10.27 -10.02 -6.36
C TYR A 176 10.10 -8.52 -6.62
N ILE A 177 8.94 -7.98 -6.24
CA ILE A 177 8.65 -6.57 -6.44
C ILE A 177 9.44 -5.71 -5.45
N GLU A 178 9.59 -6.19 -4.22
CA GLU A 178 10.37 -5.46 -3.24
C GLU A 178 11.77 -5.32 -3.83
N ASP A 179 12.29 -6.41 -4.39
CA ASP A 179 13.63 -6.41 -4.97
C ASP A 179 13.74 -5.40 -6.13
N GLN A 180 12.68 -5.28 -6.93
CA GLN A 180 12.73 -4.32 -8.02
C GLN A 180 12.81 -2.89 -7.48
N VAL A 181 12.07 -2.60 -6.42
CA VAL A 181 12.10 -1.25 -5.84
C VAL A 181 13.49 -0.96 -5.23
N ILE A 182 14.05 -1.93 -4.54
CA ILE A 182 15.36 -1.76 -3.93
C ILE A 182 16.44 -1.46 -4.99
N ASN A 183 16.41 -2.20 -6.08
CA ASN A 183 17.41 -2.04 -7.13
C ASN A 183 17.19 -0.91 -8.14
N ARG A 184 15.94 -0.54 -8.38
CA ARG A 184 15.62 0.48 -9.36
C ARG A 184 14.88 1.72 -8.89
N GLY A 185 14.38 1.70 -7.65
CA GLY A 185 13.61 2.84 -7.18
C GLY A 185 14.08 3.61 -5.96
N MET A 186 15.32 3.39 -5.54
CA MET A 186 15.84 4.11 -4.38
C MET A 186 16.43 5.46 -4.79
N TYR A 187 17.22 5.47 -5.85
CA TYR A 187 17.86 6.69 -6.34
C TYR A 187 17.30 7.15 -7.69
N SER A 188 16.44 6.33 -8.27
CA SER A 188 15.87 6.64 -9.58
C SER A 188 14.39 6.31 -9.60
N SER A 189 13.80 6.36 -10.80
CA SER A 189 12.39 6.02 -10.97
C SER A 189 12.31 4.93 -12.03
N PHE A 190 11.24 4.13 -11.97
CA PHE A 190 11.05 3.07 -12.94
C PHE A 190 9.56 2.76 -13.11
N GLU A 191 9.23 2.05 -14.18
CA GLU A 191 7.85 1.66 -14.48
C GLU A 191 7.73 0.15 -14.29
N ALA A 192 6.63 -0.28 -13.65
CA ALA A 192 6.41 -1.70 -13.38
C ALA A 192 6.36 -2.59 -14.63
N GLY A 193 5.60 -2.17 -15.64
CA GLY A 193 5.50 -2.97 -16.86
C GLY A 193 4.39 -4.00 -16.82
N ALA A 194 4.11 -4.59 -17.97
CA ALA A 194 3.04 -5.57 -18.11
C ALA A 194 3.21 -6.89 -17.37
N ARG A 195 4.42 -7.46 -17.37
CA ARG A 195 4.62 -8.74 -16.70
C ARG A 195 4.43 -8.64 -15.18
N ILE A 196 4.98 -7.60 -14.57
CA ILE A 196 4.84 -7.41 -13.13
C ILE A 196 3.37 -7.13 -12.79
N THR A 197 2.67 -6.44 -13.68
CA THR A 197 1.26 -6.15 -13.45
C THR A 197 0.46 -7.45 -13.43
N LEU A 198 0.78 -8.37 -14.33
CA LEU A 198 0.09 -9.66 -14.39
C LEU A 198 0.46 -10.51 -13.17
N LEU A 199 1.71 -10.41 -12.76
CA LEU A 199 2.19 -11.15 -11.59
C LEU A 199 1.35 -10.72 -10.37
N GLU A 200 1.21 -9.40 -10.21
CA GLU A 200 0.44 -8.85 -9.11
C GLU A 200 -1.00 -9.35 -9.13
N ASN A 201 -1.59 -9.43 -10.31
CA ASN A 201 -2.97 -9.90 -10.43
C ASN A 201 -3.14 -11.34 -9.96
N ASN A 202 -2.06 -12.12 -10.02
CA ASN A 202 -2.10 -13.53 -9.62
C ASN A 202 -1.71 -13.82 -8.17
N TRP A 203 -1.80 -12.82 -7.30
CA TRP A 203 -1.44 -13.03 -5.89
C TRP A 203 -2.23 -14.18 -5.26
N SER A 204 -3.54 -14.21 -5.48
CA SER A 204 -4.37 -15.26 -4.91
C SER A 204 -4.04 -16.66 -5.44
N LYS A 205 -3.85 -16.78 -6.74
CA LYS A 205 -3.55 -18.09 -7.33
C LYS A 205 -2.22 -18.66 -6.86
N ILE A 206 -1.24 -17.79 -6.67
CA ILE A 206 0.08 -18.23 -6.20
C ILE A 206 -0.04 -18.59 -4.72
N SER A 207 -0.76 -17.77 -3.97
CA SER A 207 -0.94 -18.01 -2.54
C SER A 207 -1.57 -19.38 -2.33
N GLU A 208 -2.57 -19.73 -3.14
CA GLU A 208 -3.25 -21.02 -3.02
C GLU A 208 -2.27 -22.19 -3.03
N GLN A 209 -1.30 -22.13 -3.94
CA GLN A 209 -0.33 -23.21 -4.05
C GLN A 209 0.60 -23.29 -2.86
N TYR A 210 0.97 -22.15 -2.30
CA TYR A 210 1.85 -22.14 -1.13
C TYR A 210 1.23 -22.87 0.05
N HIS A 211 -0.10 -22.92 0.09
CA HIS A 211 -0.75 -23.63 1.18
C HIS A 211 -0.63 -25.15 0.99
N LYS A 212 -0.27 -25.56 -0.23
CA LYS A 212 -0.13 -26.98 -0.54
C LYS A 212 1.31 -27.47 -0.66
N SER A 213 2.24 -26.53 -0.84
CA SER A 213 3.66 -26.87 -0.97
C SER A 213 4.54 -25.63 -0.83
N CYS A 214 5.72 -25.81 -0.25
CA CYS A 214 6.64 -24.69 -0.07
C CYS A 214 7.59 -24.56 -1.26
N LYS A 215 7.58 -25.56 -2.13
CA LYS A 215 8.42 -25.55 -3.32
C LYS A 215 7.50 -25.80 -4.50
N LEU A 216 7.09 -24.72 -5.16
CA LEU A 216 6.15 -24.78 -6.27
C LEU A 216 6.69 -25.24 -7.62
N GLY A 217 7.83 -24.69 -8.02
CA GLY A 217 8.38 -25.05 -9.31
C GLY A 217 7.83 -24.11 -10.37
N GLY A 218 8.64 -23.79 -11.36
CA GLY A 218 8.22 -22.88 -12.40
C GLY A 218 6.96 -23.23 -13.16
N GLY A 219 6.18 -22.21 -13.47
CA GLY A 219 4.94 -22.39 -14.22
C GLY A 219 4.75 -21.17 -15.09
N GLN A 220 3.59 -20.52 -14.97
CA GLN A 220 3.33 -19.31 -15.73
C GLN A 220 4.38 -18.28 -15.32
N PHE A 221 4.78 -18.34 -14.06
CA PHE A 221 5.79 -17.43 -13.53
C PHE A 221 6.95 -18.27 -12.97
N THR A 222 8.11 -17.65 -12.82
CA THR A 222 9.27 -18.35 -12.30
C THR A 222 9.16 -18.54 -10.79
N GLU A 223 10.00 -19.40 -10.24
CA GLU A 223 9.99 -19.64 -8.81
C GLU A 223 10.32 -18.35 -8.04
N GLU A 224 11.19 -17.54 -8.60
CA GLU A 224 11.57 -16.27 -7.96
C GLU A 224 10.44 -15.25 -8.00
N GLU A 225 9.75 -15.18 -9.13
CA GLU A 225 8.63 -14.25 -9.27
C GLU A 225 7.52 -14.62 -8.28
N MET A 226 7.39 -15.91 -8.02
CA MET A 226 6.34 -16.40 -7.11
C MET A 226 6.70 -16.38 -5.63
N LYS A 227 7.92 -15.97 -5.29
CA LYS A 227 8.35 -15.92 -3.89
C LYS A 227 7.55 -14.86 -3.15
N LEU A 228 6.51 -15.27 -2.43
CA LEU A 228 5.67 -14.33 -1.70
C LEU A 228 6.19 -13.90 -0.34
N GLY A 229 5.89 -12.64 0.02
CA GLY A 229 6.29 -12.11 1.31
C GLY A 229 5.10 -12.09 2.25
N LEU A 230 3.91 -12.28 1.70
CA LEU A 230 2.67 -12.30 2.47
C LEU A 230 1.69 -13.19 1.71
N LEU A 231 1.06 -14.13 2.42
CA LEU A 231 0.10 -15.02 1.77
C LEU A 231 -1.31 -14.59 2.06
N LEU A 232 -2.21 -14.86 1.13
CA LEU A 232 -3.62 -14.57 1.31
C LEU A 232 -4.19 -15.82 2.00
N TYR A 233 -5.25 -15.64 2.77
CA TYR A 233 -5.89 -16.77 3.44
C TYR A 233 -6.30 -17.76 2.36
N ASN A 234 -6.55 -19.02 2.74
CA ASN A 234 -6.95 -20.02 1.76
C ASN A 234 -8.33 -20.57 2.11
#